data_8UMZ
#
_entry.id   8UMZ
#
_cell.length_a   49.276
_cell.length_b   50.613
_cell.length_c   88.263
_cell.angle_alpha   90.000
_cell.angle_beta   94.008
_cell.angle_gamma   90.000
#
_symmetry.space_group_name_H-M   'P 1 21 1'
#
loop_
_entity.id
_entity.type
_entity.pdbx_description
1 polymer 'Protocadherin-15 EC4-EC7'
2 non-polymer 'CALCIUM ION'
3 non-polymer 'SODIUM ION'
4 water water
#
_entity_poly.entity_id   1
_entity_poly.type   'polypeptide(L)'
_entity_poly.pdbx_seq_one_letter_code
;MDENNQSPYFTMPSYQGYILESAPVGATISESLNLTTPLRIVALDKDIEDTKDPELHLFLNDYTSVFTVTPTGITRYLTL
LQPVDREEQQTYTFLITAFDGVQESEPVVVNIRVMDANDNAPVFDPYLPRNLSVVEEEANAFVGQVRATDPDAGINGQVH
YSLGNFNNLFRITSNGSIYTAVKLNREARDHYELVVVATDGAVHPRHSTLTLYIKVLDIDDNLEHHHHHH
;
_entity_poly.pdbx_strand_id   A,B
#
loop_
_chem_comp.id
_chem_comp.type
_chem_comp.name
_chem_comp.formula
CA non-polymer 'CALCIUM ION' 'Ca 2'
NA non-polymer 'SODIUM ION' 'Na 1'
#
# COMPACT_ATOMS: atom_id res chain seq x y z
N GLU A 3 46.54 15.91 1.74
CA GLU A 3 46.92 14.61 1.13
C GLU A 3 45.89 13.56 1.58
N ASN A 4 46.26 12.58 2.41
CA ASN A 4 45.41 11.40 2.57
C ASN A 4 45.66 10.73 3.91
N ASN A 5 45.14 11.39 4.97
CA ASN A 5 45.29 10.95 6.35
C ASN A 5 43.96 10.74 7.07
N GLN A 6 42.83 10.76 6.37
CA GLN A 6 41.54 10.51 6.99
C GLN A 6 40.94 9.26 6.35
N SER A 7 40.41 8.37 7.20
CA SER A 7 39.86 7.08 6.75
C SER A 7 38.49 7.36 6.15
N PRO A 8 38.15 6.71 5.04
CA PRO A 8 36.83 6.84 4.43
C PRO A 8 35.84 6.14 5.33
N TYR A 9 34.55 6.44 5.11
CA TYR A 9 33.54 5.78 5.92
C TYR A 9 32.17 5.79 5.25
N PHE A 10 31.39 4.76 5.55
CA PHE A 10 30.00 4.67 5.08
C PHE A 10 29.13 5.52 6.00
N THR A 11 28.02 6.09 5.46
CA THR A 11 27.18 6.99 6.22
C THR A 11 26.10 6.24 7.01
N MET A 12 25.95 4.91 6.83
CA MET A 12 25.05 4.12 7.64
C MET A 12 25.81 2.97 8.27
N PRO A 13 25.26 2.37 9.36
CA PRO A 13 25.96 1.32 10.10
C PRO A 13 25.87 -0.09 9.54
N SER A 14 24.91 -0.27 8.64
CA SER A 14 24.64 -1.52 7.95
C SER A 14 23.74 -1.18 6.76
N TYR A 15 23.50 -2.19 5.92
CA TYR A 15 22.70 -2.09 4.72
C TYR A 15 21.85 -3.36 4.58
N GLN A 16 20.54 -3.16 4.30
CA GLN A 16 19.61 -4.21 3.92
C GLN A 16 19.03 -3.99 2.51
N GLY A 17 19.22 -4.97 1.63
CA GLY A 17 18.74 -4.91 0.25
C GLY A 17 17.68 -5.98 -0.05
N TYR A 18 17.03 -5.83 -1.21
CA TYR A 18 15.97 -6.75 -1.65
C TYR A 18 16.04 -6.81 -3.16
N ILE A 19 15.89 -8.02 -3.72
CA ILE A 19 15.86 -8.22 -5.16
C ILE A 19 14.90 -9.36 -5.48
N LEU A 20 14.09 -9.24 -6.54
CA LEU A 20 13.31 -10.37 -7.07
C LEU A 20 14.15 -11.36 -7.86
N GLU A 21 13.97 -12.68 -7.63
CA GLU A 21 14.85 -13.69 -8.21
C GLU A 21 14.79 -13.67 -9.74
N SER A 22 13.68 -13.17 -10.32
CA SER A 22 13.50 -13.15 -11.75
CA SER A 22 13.59 -13.19 -11.77
C SER A 22 14.18 -11.91 -12.36
N ALA A 23 14.85 -11.13 -11.49
CA ALA A 23 15.37 -9.84 -11.90
C ALA A 23 16.51 -10.12 -12.84
N PRO A 24 16.65 -9.34 -13.89
CA PRO A 24 17.65 -9.60 -14.91
C PRO A 24 19.04 -9.19 -14.36
N VAL A 25 20.07 -9.84 -14.89
CA VAL A 25 21.44 -9.43 -14.66
C VAL A 25 21.52 -7.96 -15.02
N GLY A 26 22.24 -7.20 -14.18
CA GLY A 26 22.30 -5.76 -14.33
C GLY A 26 21.36 -5.00 -13.40
N ALA A 27 20.34 -5.68 -12.86
CA ALA A 27 19.35 -5.00 -12.00
C ALA A 27 19.98 -4.40 -10.74
N THR A 28 19.45 -3.28 -10.34
CA THR A 28 19.82 -2.60 -9.10
C THR A 28 19.02 -3.11 -7.89
N ILE A 29 19.75 -3.35 -6.80
CA ILE A 29 19.19 -3.87 -5.57
C ILE A 29 18.36 -2.76 -4.90
N SER A 30 17.17 -3.14 -4.42
CA SER A 30 16.22 -2.20 -3.82
C SER A 30 16.40 -2.07 -2.29
N GLU A 31 15.92 -0.97 -1.71
CA GLU A 31 16.13 -0.69 -0.29
C GLU A 31 14.98 -1.24 0.56
N SER A 32 13.88 -1.62 -0.07
CA SER A 32 12.74 -2.15 0.70
C SER A 32 12.05 -3.32 0.00
N LEU A 33 11.17 -3.98 0.76
CA LEU A 33 10.67 -5.25 0.28
C LEU A 33 9.67 -5.02 -0.87
N ASN A 34 9.29 -3.75 -1.09
CA ASN A 34 8.35 -3.44 -2.17
C ASN A 34 9.07 -3.21 -3.51
N LEU A 35 10.40 -3.34 -3.50
CA LEU A 35 11.20 -3.36 -4.70
C LEU A 35 10.92 -2.11 -5.51
N THR A 36 10.97 -0.95 -4.86
CA THR A 36 10.81 0.34 -5.55
C THR A 36 12.11 1.17 -5.61
N THR A 37 12.39 1.98 -4.58
CA THR A 37 13.56 2.83 -4.54
CA THR A 37 13.58 2.83 -4.52
C THR A 37 14.85 2.00 -4.30
N PRO A 38 16.02 2.44 -4.81
CA PRO A 38 17.24 1.65 -4.72
C PRO A 38 17.93 1.77 -3.36
N LEU A 39 18.71 0.73 -3.05
CA LEU A 39 19.64 0.82 -1.94
C LEU A 39 20.76 1.74 -2.36
N ARG A 40 20.95 2.77 -1.54
CA ARG A 40 21.98 3.76 -1.76
C ARG A 40 23.07 3.52 -0.73
N ILE A 41 24.32 3.47 -1.23
CA ILE A 41 25.47 3.27 -0.35
C ILE A 41 26.40 4.46 -0.53
N VAL A 42 26.51 5.26 0.54
CA VAL A 42 27.23 6.53 0.43
C VAL A 42 28.49 6.39 1.28
N ALA A 43 29.64 6.71 0.65
CA ALA A 43 30.94 6.62 1.31
C ALA A 43 31.61 7.97 1.17
N LEU A 44 32.11 8.54 2.27
CA LEU A 44 32.70 9.86 2.31
C LEU A 44 34.13 9.72 2.84
N ASP A 45 34.89 10.82 2.77
CA ASP A 45 36.28 10.84 3.16
C ASP A 45 36.67 12.28 3.38
N LYS A 46 37.05 12.58 4.60
CA LYS A 46 37.23 13.96 5.04
C LYS A 46 38.49 14.57 4.47
N ASP A 47 39.27 13.81 3.70
CA ASP A 47 40.34 14.42 2.93
C ASP A 47 39.79 15.20 1.74
N ILE A 48 38.52 14.95 1.39
CA ILE A 48 37.88 15.44 0.17
C ILE A 48 36.77 16.41 0.58
N GLU A 49 36.70 17.59 -0.04
CA GLU A 49 35.65 18.53 0.33
C GLU A 49 34.32 17.91 -0.03
N ASP A 50 33.31 18.23 0.76
CA ASP A 50 32.01 17.65 0.57
C ASP A 50 31.51 18.08 -0.82
N THR A 51 30.50 17.38 -1.32
CA THR A 51 29.95 17.62 -2.65
C THR A 51 30.95 17.20 -3.75
N LYS A 52 32.16 16.72 -3.38
CA LYS A 52 33.10 16.23 -4.38
C LYS A 52 33.20 14.72 -4.25
N ASP A 53 33.29 14.01 -5.37
CA ASP A 53 33.37 12.56 -5.34
C ASP A 53 34.75 12.20 -4.75
N PRO A 54 34.78 11.42 -3.66
CA PRO A 54 36.03 11.02 -3.00
C PRO A 54 36.76 9.89 -3.73
N GLU A 55 36.19 9.38 -4.83
CA GLU A 55 36.90 8.51 -5.75
C GLU A 55 37.40 7.24 -5.04
N LEU A 56 36.53 6.65 -4.21
CA LEU A 56 36.90 5.56 -3.35
C LEU A 56 36.78 4.27 -4.12
N HIS A 57 37.52 3.25 -3.64
CA HIS A 57 37.27 1.89 -4.14
C HIS A 57 36.46 1.17 -3.08
N LEU A 58 35.25 0.74 -3.47
CA LEU A 58 34.41 -0.10 -2.67
C LEU A 58 34.47 -1.56 -3.15
N PHE A 59 34.58 -2.50 -2.21
CA PHE A 59 34.69 -3.89 -2.57
C PHE A 59 33.98 -4.78 -1.53
N LEU A 60 33.48 -5.90 -2.04
CA LEU A 60 32.77 -6.90 -1.25
CA LEU A 60 32.78 -6.89 -1.23
C LEU A 60 33.77 -7.96 -0.79
N ASN A 61 33.48 -8.61 0.35
CA ASN A 61 34.33 -9.66 0.86
C ASN A 61 33.90 -11.07 0.42
N ASP A 62 32.75 -11.19 -0.19
CA ASP A 62 32.25 -12.47 -0.65
C ASP A 62 31.20 -12.16 -1.70
N TYR A 63 30.79 -13.16 -2.50
CA TYR A 63 29.70 -13.03 -3.45
C TYR A 63 30.10 -12.05 -4.54
N THR A 64 31.43 -11.96 -4.79
CA THR A 64 31.95 -11.05 -5.78
C THR A 64 31.61 -11.47 -7.20
N SER A 65 31.15 -12.71 -7.43
CA SER A 65 30.62 -13.07 -8.74
C SER A 65 29.10 -12.88 -8.83
N VAL A 66 28.46 -12.39 -7.73
CA VAL A 66 27.02 -12.31 -7.69
C VAL A 66 26.59 -10.86 -7.70
N PHE A 67 27.31 -10.00 -6.97
CA PHE A 67 26.91 -8.62 -6.80
C PHE A 67 28.16 -7.77 -7.03
N THR A 68 27.94 -6.59 -7.58
CA THR A 68 29.01 -5.58 -7.72
C THR A 68 28.49 -4.22 -7.30
N VAL A 69 29.42 -3.32 -6.93
CA VAL A 69 29.10 -1.92 -6.66
C VAL A 69 29.37 -1.07 -7.92
N THR A 70 28.51 -0.08 -8.15
CA THR A 70 28.77 0.90 -9.19
C THR A 70 30.12 1.54 -8.88
N PRO A 71 30.91 1.81 -9.93
CA PRO A 71 32.32 2.22 -9.73
C PRO A 71 32.67 3.68 -9.42
N THR A 72 31.76 4.62 -9.58
CA THR A 72 31.98 6.03 -9.34
C THR A 72 30.74 6.64 -8.74
N GLY A 73 30.97 7.82 -8.13
CA GLY A 73 29.90 8.58 -7.54
C GLY A 73 30.03 8.64 -6.04
N ILE A 74 29.54 9.74 -5.47
CA ILE A 74 29.36 9.87 -4.05
C ILE A 74 28.40 8.74 -3.61
N THR A 75 27.27 8.57 -4.31
CA THR A 75 26.28 7.55 -3.99
C THR A 75 26.53 6.36 -4.92
N ARG A 76 26.69 5.17 -4.33
CA ARG A 76 26.92 3.96 -5.08
C ARG A 76 25.69 3.09 -4.93
N TYR A 77 25.52 2.18 -5.91
CA TYR A 77 24.46 1.20 -5.94
C TYR A 77 25.04 -0.20 -6.05
N LEU A 78 24.23 -1.22 -5.72
CA LEU A 78 24.57 -2.61 -5.92
C LEU A 78 23.83 -3.19 -7.12
N THR A 79 24.50 -3.96 -7.98
CA THR A 79 23.84 -4.53 -9.16
C THR A 79 24.12 -6.01 -9.28
N LEU A 80 23.21 -6.74 -9.95
CA LEU A 80 23.32 -8.20 -10.03
C LEU A 80 24.31 -8.57 -11.13
N LEU A 81 25.20 -9.54 -10.87
CA LEU A 81 26.16 -10.09 -11.83
C LEU A 81 25.68 -11.38 -12.52
N GLN A 82 24.87 -12.19 -11.83
CA GLN A 82 24.43 -13.46 -12.35
C GLN A 82 23.04 -13.71 -11.78
N PRO A 83 22.23 -14.57 -12.45
CA PRO A 83 20.90 -14.90 -12.01
C PRO A 83 20.95 -15.54 -10.62
N VAL A 84 19.97 -15.18 -9.80
CA VAL A 84 19.84 -15.76 -8.48
C VAL A 84 18.60 -16.64 -8.43
N ASP A 85 18.46 -17.39 -7.34
CA ASP A 85 17.37 -18.36 -7.27
C ASP A 85 16.97 -18.52 -5.82
N ARG A 86 15.69 -18.22 -5.51
CA ARG A 86 15.25 -18.21 -4.15
C ARG A 86 15.18 -19.66 -3.68
N GLU A 87 14.94 -20.60 -4.62
CA GLU A 87 14.78 -21.99 -4.22
C GLU A 87 16.15 -22.63 -3.93
N GLU A 88 17.24 -21.99 -4.30
CA GLU A 88 18.57 -22.50 -3.96
C GLU A 88 19.20 -21.66 -2.83
N GLN A 89 19.10 -20.34 -2.90
CA GLN A 89 19.57 -19.51 -1.79
C GLN A 89 18.74 -18.24 -1.70
N GLN A 90 18.20 -17.94 -0.48
CA GLN A 90 17.25 -16.86 -0.28
C GLN A 90 17.89 -15.61 0.35
N THR A 91 19.03 -15.75 1.04
CA THR A 91 19.65 -14.70 1.82
C THR A 91 21.14 -14.66 1.52
N TYR A 92 21.68 -13.45 1.35
CA TYR A 92 23.11 -13.23 1.18
C TYR A 92 23.55 -12.26 2.28
N THR A 93 24.72 -12.57 2.87
CA THR A 93 25.29 -11.72 3.89
C THR A 93 26.74 -11.55 3.54
N PHE A 94 27.23 -10.31 3.53
CA PHE A 94 28.61 -10.07 3.21
C PHE A 94 29.01 -8.70 3.73
N LEU A 95 30.31 -8.35 3.63
CA LEU A 95 30.81 -7.05 4.04
C LEU A 95 31.21 -6.23 2.82
N ILE A 96 31.03 -4.92 2.94
CA ILE A 96 31.60 -3.99 1.97
C ILE A 96 32.57 -3.08 2.72
N THR A 97 33.64 -2.72 2.02
CA THR A 97 34.73 -1.91 2.58
C THR A 97 35.07 -0.86 1.54
N ALA A 98 35.39 0.36 2.01
CA ALA A 98 35.86 1.45 1.18
C ALA A 98 37.34 1.65 1.43
N PHE A 99 38.05 2.01 0.38
CA PHE A 99 39.53 2.13 0.41
C PHE A 99 39.89 3.41 -0.33
N ASP A 100 40.76 4.24 0.27
CA ASP A 100 41.13 5.51 -0.36
C ASP A 100 42.52 5.42 -0.98
N GLY A 101 43.11 4.22 -1.07
CA GLY A 101 44.46 4.07 -1.61
C GLY A 101 45.51 3.92 -0.52
N VAL A 102 45.14 4.33 0.69
CA VAL A 102 46.04 4.26 1.84
C VAL A 102 45.39 3.47 2.98
N GLN A 103 44.20 3.87 3.42
CA GLN A 103 43.57 3.20 4.54
C GLN A 103 42.16 2.81 4.11
N GLU A 104 41.69 1.76 4.77
CA GLU A 104 40.34 1.26 4.59
C GLU A 104 39.37 1.91 5.58
N SER A 105 38.07 1.89 5.26
CA SER A 105 37.00 2.09 6.23
C SER A 105 36.87 0.84 7.10
N GLU A 106 36.12 1.00 8.19
CA GLU A 106 35.48 -0.12 8.85
C GLU A 106 34.63 -0.84 7.82
N PRO A 107 34.56 -2.17 7.87
CA PRO A 107 33.60 -2.89 7.04
C PRO A 107 32.20 -2.64 7.55
N VAL A 108 31.22 -2.77 6.66
CA VAL A 108 29.81 -2.60 6.98
C VAL A 108 29.16 -3.90 6.53
N VAL A 109 28.20 -4.40 7.30
CA VAL A 109 27.46 -5.59 6.93
C VAL A 109 26.33 -5.22 5.97
N VAL A 110 26.16 -6.03 4.91
CA VAL A 110 25.09 -5.93 3.96
C VAL A 110 24.37 -7.30 3.97
N ASN A 111 23.06 -7.23 4.12
CA ASN A 111 22.21 -8.39 3.93
C ASN A 111 21.30 -8.13 2.72
N ILE A 112 21.12 -9.13 1.86
CA ILE A 112 20.19 -9.01 0.74
CA ILE A 112 20.20 -9.03 0.73
C ILE A 112 19.21 -10.18 0.83
N ARG A 113 17.94 -9.86 0.74
CA ARG A 113 16.87 -10.85 0.61
C ARG A 113 16.48 -10.98 -0.86
N VAL A 114 16.42 -12.21 -1.36
CA VAL A 114 15.90 -12.54 -2.69
C VAL A 114 14.41 -12.84 -2.47
N MET A 115 13.59 -12.06 -3.14
CA MET A 115 12.14 -12.18 -3.09
C MET A 115 11.68 -13.26 -4.06
N ASP A 116 10.56 -13.92 -3.72
CA ASP A 116 10.09 -15.01 -4.53
C ASP A 116 9.29 -14.50 -5.71
N ALA A 117 9.59 -15.10 -6.86
CA ALA A 117 8.77 -14.99 -8.04
C ALA A 117 7.98 -16.30 -8.12
N ASN A 118 6.78 -16.24 -8.68
CA ASN A 118 6.09 -17.47 -9.04
C ASN A 118 6.64 -18.05 -10.34
N ASP A 119 7.84 -18.61 -10.28
CA ASP A 119 8.66 -19.03 -11.43
C ASP A 119 8.63 -20.54 -11.65
N ASN A 120 7.79 -21.23 -10.87
CA ASN A 120 7.69 -22.68 -10.96
C ASN A 120 6.20 -23.03 -11.09
N ALA A 121 5.92 -23.98 -11.98
CA ALA A 121 4.63 -24.63 -12.00
C ALA A 121 4.66 -25.83 -11.06
N PRO A 122 3.49 -26.33 -10.58
CA PRO A 122 3.47 -27.59 -9.86
C PRO A 122 4.06 -28.70 -10.75
N VAL A 123 4.76 -29.63 -10.12
CA VAL A 123 5.26 -30.78 -10.86
C VAL A 123 4.58 -32.04 -10.29
N PHE A 124 4.08 -32.90 -11.19
CA PHE A 124 3.42 -34.10 -10.74
C PHE A 124 4.47 -35.11 -10.29
N ASP A 125 4.13 -35.86 -9.25
CA ASP A 125 4.97 -36.99 -8.85
C ASP A 125 5.00 -38.03 -9.95
N PRO A 126 6.15 -38.37 -10.57
CA PRO A 126 6.16 -39.27 -11.73
C PRO A 126 6.00 -40.75 -11.39
N TYR A 127 5.98 -41.12 -10.08
CA TYR A 127 5.97 -42.51 -9.67
C TYR A 127 4.55 -43.00 -9.37
N LEU A 128 3.63 -42.09 -9.08
CA LEU A 128 2.26 -42.50 -8.82
C LEU A 128 1.70 -42.99 -10.14
N PRO A 129 0.93 -44.11 -10.12
CA PRO A 129 0.53 -44.75 -11.35
C PRO A 129 -0.32 -43.84 -12.22
N ARG A 130 -0.13 -43.87 -13.55
CA ARG A 130 -1.00 -43.09 -14.43
C ARG A 130 -1.98 -43.98 -15.20
N ASN A 131 -1.79 -45.30 -15.07
CA ASN A 131 -2.76 -46.25 -15.56
C ASN A 131 -3.57 -46.81 -14.40
N LEU A 132 -4.88 -46.57 -14.44
CA LEU A 132 -5.75 -46.75 -13.31
C LEU A 132 -6.91 -47.63 -13.74
N SER A 133 -7.54 -48.25 -12.76
CA SER A 133 -8.81 -48.95 -13.03
C SER A 133 -9.84 -48.55 -12.00
N VAL A 134 -11.15 -48.69 -12.38
CA VAL A 134 -12.24 -48.60 -11.42
C VAL A 134 -13.38 -49.49 -11.93
N VAL A 135 -14.10 -50.07 -11.00
CA VAL A 135 -15.26 -50.89 -11.31
C VAL A 135 -16.43 -49.98 -11.71
N GLU A 136 -17.19 -50.45 -12.69
CA GLU A 136 -18.41 -49.78 -13.08
C GLU A 136 -19.48 -49.87 -12.00
N GLU A 137 -20.54 -49.07 -12.18
CA GLU A 137 -21.78 -49.09 -11.43
C GLU A 137 -21.63 -48.74 -9.96
N GLU A 138 -20.68 -47.87 -9.61
CA GLU A 138 -20.47 -47.42 -8.23
C GLU A 138 -20.12 -45.94 -8.27
N ALA A 139 -21.01 -45.12 -7.71
CA ALA A 139 -20.69 -43.72 -7.42
C ALA A 139 -19.80 -43.62 -6.19
N ASN A 140 -18.92 -42.60 -6.17
CA ASN A 140 -18.04 -42.36 -5.05
C ASN A 140 -16.93 -43.42 -4.93
N ALA A 141 -16.62 -44.08 -6.03
CA ALA A 141 -15.59 -45.12 -6.04
C ALA A 141 -14.23 -44.47 -6.28
N PHE A 142 -13.26 -44.86 -5.45
CA PHE A 142 -11.87 -44.44 -5.63
C PHE A 142 -11.31 -44.92 -6.97
N VAL A 143 -10.71 -43.98 -7.71
CA VAL A 143 -10.10 -44.21 -9.00
C VAL A 143 -8.59 -44.23 -8.87
N GLY A 144 -8.05 -43.24 -8.18
CA GLY A 144 -6.62 -43.09 -8.16
C GLY A 144 -6.19 -41.85 -7.39
N GLN A 145 -4.85 -41.75 -7.26
CA GLN A 145 -4.17 -40.68 -6.55
C GLN A 145 -3.18 -39.99 -7.45
N VAL A 146 -3.21 -38.67 -7.43
CA VAL A 146 -2.10 -37.94 -7.97
C VAL A 146 -1.53 -37.05 -6.84
N ARG A 147 -0.37 -36.43 -7.13
CA ARG A 147 0.24 -35.47 -6.25
C ARG A 147 1.16 -34.60 -7.05
N ALA A 148 1.08 -33.28 -6.80
CA ALA A 148 2.01 -32.32 -7.37
C ALA A 148 2.58 -31.48 -6.24
N THR A 149 3.85 -31.08 -6.40
CA THR A 149 4.50 -30.20 -5.45
C THR A 149 5.11 -29.02 -6.21
N ASP A 150 5.16 -27.89 -5.55
CA ASP A 150 5.60 -26.64 -6.16
C ASP A 150 6.58 -26.03 -5.19
N PRO A 151 7.83 -25.78 -5.64
CA PRO A 151 8.90 -25.36 -4.71
C PRO A 151 8.82 -23.86 -4.36
N ASP A 152 7.93 -23.05 -4.99
CA ASP A 152 7.84 -21.63 -4.69
C ASP A 152 7.30 -21.40 -3.28
N ALA A 153 7.31 -20.13 -2.85
CA ALA A 153 7.00 -19.75 -1.49
C ALA A 153 5.54 -19.37 -1.33
N GLY A 154 5.07 -19.66 -0.11
CA GLY A 154 3.72 -19.34 0.31
C GLY A 154 2.68 -19.76 -0.74
N ILE A 155 1.85 -18.81 -1.17
CA ILE A 155 0.72 -19.16 -2.04
C ILE A 155 1.25 -19.60 -3.39
N ASN A 156 2.46 -19.12 -3.76
CA ASN A 156 3.04 -19.48 -5.03
C ASN A 156 3.41 -20.97 -5.07
N GLY A 157 3.53 -21.65 -3.91
CA GLY A 157 3.89 -23.05 -3.79
C GLY A 157 2.72 -23.91 -3.31
N GLN A 158 1.52 -23.33 -3.11
CA GLN A 158 0.36 -24.11 -2.68
C GLN A 158 -0.42 -24.61 -3.89
N VAL A 159 -0.72 -25.92 -3.88
CA VAL A 159 -1.24 -26.59 -5.06
C VAL A 159 -2.71 -26.91 -4.87
N HIS A 160 -3.49 -26.62 -5.92
N HIS A 160 -3.55 -26.56 -5.85
CA HIS A 160 -4.92 -26.85 -6.00
CA HIS A 160 -4.93 -27.02 -5.82
C HIS A 160 -5.20 -27.82 -7.14
C HIS A 160 -5.22 -27.81 -7.09
N TYR A 161 -6.13 -28.75 -6.94
CA TYR A 161 -6.39 -29.73 -7.98
C TYR A 161 -7.75 -29.48 -8.62
N SER A 162 -7.80 -29.69 -9.93
CA SER A 162 -9.07 -29.72 -10.65
C SER A 162 -8.93 -30.67 -11.86
N LEU A 163 -10.06 -30.85 -12.56
CA LEU A 163 -10.08 -31.72 -13.73
C LEU A 163 -10.29 -30.92 -15.00
N GLY A 164 -9.64 -31.35 -16.04
CA GLY A 164 -9.61 -30.68 -17.32
C GLY A 164 -10.66 -31.22 -18.29
N ASN A 165 -11.36 -32.27 -17.88
CA ASN A 165 -12.39 -32.92 -18.66
C ASN A 165 -13.19 -33.90 -17.77
N PHE A 166 -14.36 -34.35 -18.27
CA PHE A 166 -15.18 -35.31 -17.58
C PHE A 166 -15.52 -34.82 -16.18
N ASN A 167 -15.78 -33.51 -16.04
CA ASN A 167 -15.97 -32.96 -14.71
C ASN A 167 -17.33 -33.30 -14.08
N ASN A 168 -18.23 -33.90 -14.87
CA ASN A 168 -19.48 -34.46 -14.35
C ASN A 168 -19.42 -35.94 -13.99
N LEU A 169 -18.29 -36.56 -14.30
CA LEU A 169 -18.14 -38.01 -14.12
C LEU A 169 -17.25 -38.28 -12.94
N PHE A 170 -16.23 -37.41 -12.69
CA PHE A 170 -15.24 -37.60 -11.64
C PHE A 170 -15.15 -36.38 -10.73
N ARG A 171 -14.58 -36.61 -9.54
CA ARG A 171 -14.27 -35.59 -8.57
C ARG A 171 -12.80 -35.75 -8.15
N ILE A 172 -12.16 -34.64 -7.85
CA ILE A 172 -10.83 -34.67 -7.24
C ILE A 172 -10.82 -33.84 -5.97
N THR A 173 -10.20 -34.45 -4.95
CA THR A 173 -10.09 -33.85 -3.63
C THR A 173 -8.85 -32.96 -3.51
N SER A 174 -8.85 -32.19 -2.43
CA SER A 174 -7.73 -31.27 -2.21
C SER A 174 -6.43 -32.02 -1.92
N ASN A 175 -6.46 -33.36 -1.70
CA ASN A 175 -5.23 -34.11 -1.55
C ASN A 175 -4.91 -35.00 -2.75
N GLY A 176 -5.59 -34.77 -3.89
CA GLY A 176 -5.25 -35.43 -5.13
C GLY A 176 -5.95 -36.77 -5.33
N SER A 177 -6.97 -37.09 -4.51
CA SER A 177 -7.66 -38.35 -4.68
C SER A 177 -8.83 -38.18 -5.66
N ILE A 178 -8.90 -39.09 -6.65
CA ILE A 178 -9.94 -39.01 -7.65
C ILE A 178 -11.00 -40.04 -7.35
N TYR A 179 -12.27 -39.65 -7.39
CA TYR A 179 -13.42 -40.54 -7.15
C TYR A 179 -14.45 -40.37 -8.27
N THR A 180 -15.26 -41.40 -8.52
CA THR A 180 -16.39 -41.27 -9.42
C THR A 180 -17.48 -40.40 -8.77
N ALA A 181 -18.07 -39.53 -9.60
CA ALA A 181 -19.18 -38.69 -9.25
C ALA A 181 -20.48 -39.45 -9.35
N VAL A 182 -20.49 -40.39 -10.28
CA VAL A 182 -21.68 -41.08 -10.74
C VAL A 182 -21.30 -42.54 -10.92
N LYS A 183 -22.30 -43.41 -11.08
CA LYS A 183 -22.05 -44.77 -11.56
C LYS A 183 -21.56 -44.80 -13.00
N LEU A 184 -20.33 -45.26 -13.21
CA LEU A 184 -19.86 -45.53 -14.54
C LEU A 184 -20.58 -46.75 -15.09
N ASN A 185 -20.44 -46.95 -16.38
CA ASN A 185 -21.15 -48.07 -17.05
C ASN A 185 -20.29 -48.58 -18.18
N ARG A 186 -19.58 -49.70 -17.99
CA ARG A 186 -18.63 -50.17 -18.96
C ARG A 186 -19.26 -50.41 -20.33
N GLU A 187 -20.56 -50.76 -20.35
CA GLU A 187 -21.27 -51.04 -21.59
C GLU A 187 -21.57 -49.75 -22.36
N ALA A 188 -21.45 -48.60 -21.69
CA ALA A 188 -21.51 -47.30 -22.38
C ALA A 188 -20.14 -46.82 -22.84
N ARG A 189 -19.11 -46.95 -21.98
CA ARG A 189 -17.76 -46.52 -22.28
C ARG A 189 -16.79 -47.14 -21.26
N ASP A 190 -15.72 -47.75 -21.77
CA ASP A 190 -14.89 -48.59 -20.93
C ASP A 190 -13.58 -47.90 -20.56
N HIS A 191 -13.44 -46.61 -20.88
CA HIS A 191 -12.13 -45.98 -20.80
C HIS A 191 -12.32 -44.47 -20.68
N TYR A 192 -11.39 -43.78 -20.00
CA TYR A 192 -11.41 -42.32 -19.84
C TYR A 192 -9.94 -41.90 -19.80
N GLU A 193 -9.62 -40.87 -20.60
CA GLU A 193 -8.31 -40.23 -20.57
C GLU A 193 -8.52 -38.88 -19.87
N LEU A 194 -8.26 -38.92 -18.58
CA LEU A 194 -8.67 -37.89 -17.68
C LEU A 194 -7.53 -36.90 -17.51
N VAL A 195 -7.84 -35.64 -17.78
CA VAL A 195 -6.89 -34.54 -17.58
C VAL A 195 -6.99 -34.07 -16.13
N VAL A 196 -5.85 -34.16 -15.39
CA VAL A 196 -5.80 -33.60 -14.06
C VAL A 196 -4.95 -32.35 -14.10
N VAL A 197 -5.46 -31.28 -13.47
CA VAL A 197 -4.79 -29.99 -13.43
C VAL A 197 -4.30 -29.69 -12.00
N ALA A 198 -3.02 -29.30 -11.85
CA ALA A 198 -2.51 -28.77 -10.61
C ALA A 198 -2.15 -27.31 -10.81
N THR A 199 -2.78 -26.47 -10.02
CA THR A 199 -2.65 -25.00 -10.16
C THR A 199 -2.15 -24.45 -8.83
N ASP A 200 -1.14 -23.57 -8.86
CA ASP A 200 -0.74 -22.92 -7.62
C ASP A 200 -1.68 -21.78 -7.23
N GLY A 201 -1.41 -21.22 -6.03
CA GLY A 201 -2.18 -20.15 -5.43
C GLY A 201 -1.70 -18.74 -5.76
N ALA A 202 -0.84 -18.54 -6.75
CA ALA A 202 -0.29 -17.22 -7.02
C ALA A 202 -1.35 -16.26 -7.54
N VAL A 203 -1.10 -14.97 -7.34
CA VAL A 203 -1.93 -13.95 -7.98
C VAL A 203 -1.89 -14.11 -9.52
N HIS A 204 -0.74 -14.53 -10.06
CA HIS A 204 -0.60 -14.82 -11.48
C HIS A 204 -0.37 -16.33 -11.54
N PRO A 205 -1.41 -17.18 -11.48
CA PRO A 205 -1.19 -18.61 -11.22
C PRO A 205 -0.43 -19.31 -12.33
N ARG A 206 0.26 -20.40 -11.98
CA ARG A 206 0.84 -21.32 -12.97
C ARG A 206 0.18 -22.68 -12.75
N HIS A 207 0.04 -23.41 -13.85
CA HIS A 207 -0.55 -24.74 -13.75
C HIS A 207 0.26 -25.75 -14.54
N SER A 208 0.02 -27.05 -14.25
CA SER A 208 0.52 -28.18 -14.99
C SER A 208 -0.59 -29.22 -15.10
N THR A 209 -0.46 -30.15 -16.03
CA THR A 209 -1.48 -31.21 -16.22
C THR A 209 -0.80 -32.57 -16.33
N LEU A 210 -1.60 -33.61 -16.07
CA LEU A 210 -1.21 -34.97 -16.28
C LEU A 210 -2.40 -35.64 -16.95
N THR A 211 -2.13 -36.65 -17.79
CA THR A 211 -3.21 -37.42 -18.35
C THR A 211 -3.21 -38.78 -17.70
N LEU A 212 -4.38 -39.16 -17.16
CA LEU A 212 -4.59 -40.46 -16.53
C LEU A 212 -5.39 -41.36 -17.46
N TYR A 213 -4.92 -42.59 -17.59
CA TYR A 213 -5.52 -43.64 -18.41
C TYR A 213 -6.34 -44.56 -17.51
N ILE A 214 -7.65 -44.32 -17.48
CA ILE A 214 -8.61 -45.04 -16.64
C ILE A 214 -9.33 -46.11 -17.46
N LYS A 215 -9.24 -47.35 -16.96
CA LYS A 215 -10.04 -48.45 -17.46
C LYS A 215 -11.19 -48.77 -16.53
N VAL A 216 -12.39 -48.90 -17.15
CA VAL A 216 -13.58 -49.28 -16.42
C VAL A 216 -13.68 -50.80 -16.38
N LEU A 217 -13.68 -51.37 -15.19
CA LEU A 217 -13.77 -52.81 -15.01
C LEU A 217 -15.23 -53.26 -15.07
N ASP A 218 -15.39 -54.47 -15.61
CA ASP A 218 -16.73 -55.05 -15.77
C ASP A 218 -17.30 -55.68 -14.52
N ILE A 219 -18.60 -55.46 -14.32
CA ILE A 219 -19.47 -56.33 -13.55
C ILE A 219 -20.23 -57.18 -14.55
N ASP A 220 -20.11 -58.50 -14.43
CA ASP A 220 -20.79 -59.37 -15.36
C ASP A 220 -22.24 -58.94 -15.42
N ASP A 221 -22.76 -58.80 -16.64
CA ASP A 221 -24.08 -58.29 -16.88
C ASP A 221 -25.18 -59.16 -16.25
N ASN A 222 -24.89 -60.44 -15.99
CA ASN A 222 -25.81 -61.30 -15.31
C ASN A 222 -26.03 -60.89 -13.84
N LEU A 223 -25.09 -60.12 -13.25
CA LEU A 223 -25.09 -59.71 -11.86
C LEU A 223 -25.56 -58.26 -11.71
N GLU A 224 -25.59 -57.49 -12.81
CA GLU A 224 -26.09 -56.13 -12.69
C GLU A 224 -27.61 -56.23 -12.50
N HIS A 225 -28.18 -55.50 -11.55
CA HIS A 225 -29.63 -55.62 -11.30
C HIS A 225 -30.41 -55.09 -12.51
N GLU B 3 -2.03 -30.50 12.42
CA GLU B 3 -1.85 -30.37 10.95
C GLU B 3 -1.87 -28.89 10.56
N ASN B 4 -0.69 -28.37 10.16
CA ASN B 4 -0.48 -26.93 9.96
C ASN B 4 0.80 -26.70 9.14
N ASN B 5 0.78 -27.05 7.85
CA ASN B 5 1.97 -26.94 7.02
C ASN B 5 1.79 -25.92 5.91
N GLN B 6 0.61 -25.28 5.79
CA GLN B 6 0.41 -24.37 4.68
C GLN B 6 0.17 -22.97 5.23
N SER B 7 0.82 -21.98 4.62
CA SER B 7 0.76 -20.66 5.18
C SER B 7 -0.60 -20.04 4.86
N PRO B 8 -1.18 -19.19 5.74
CA PRO B 8 -2.45 -18.55 5.39
C PRO B 8 -2.24 -17.52 4.30
N TYR B 9 -3.33 -16.93 3.84
CA TYR B 9 -3.24 -15.93 2.79
C TYR B 9 -4.50 -15.07 2.72
N PHE B 10 -4.29 -13.89 2.12
CA PHE B 10 -5.38 -12.98 1.84
C PHE B 10 -5.92 -13.26 0.44
N THR B 11 -7.24 -13.04 0.24
CA THR B 11 -7.94 -13.34 -1.00
C THR B 11 -7.77 -12.25 -2.04
N MET B 12 -7.11 -11.15 -1.70
CA MET B 12 -6.86 -10.06 -2.63
C MET B 12 -5.38 -9.71 -2.53
N PRO B 13 -4.80 -9.11 -3.60
CA PRO B 13 -3.39 -8.75 -3.62
C PRO B 13 -3.03 -7.47 -2.86
N SER B 14 -4.05 -6.71 -2.46
CA SER B 14 -3.90 -5.40 -1.86
C SER B 14 -5.31 -4.92 -1.49
N TYR B 15 -5.35 -3.90 -0.61
CA TYR B 15 -6.57 -3.28 -0.12
C TYR B 15 -6.44 -1.76 -0.22
N GLN B 16 -7.59 -1.13 -0.59
CA GLN B 16 -7.74 0.32 -0.59
C GLN B 16 -8.94 0.66 0.29
N GLY B 17 -8.73 1.58 1.26
CA GLY B 17 -9.84 2.10 2.04
C GLY B 17 -9.86 3.62 2.04
N TYR B 18 -10.89 4.18 2.69
CA TYR B 18 -11.11 5.62 2.78
C TYR B 18 -11.78 5.93 4.13
N ILE B 19 -11.35 7.03 4.75
CA ILE B 19 -11.97 7.40 6.03
C ILE B 19 -12.13 8.91 6.06
N LEU B 20 -13.23 9.41 6.63
CA LEU B 20 -13.41 10.86 6.75
C LEU B 20 -12.65 11.36 7.97
N GLU B 21 -11.90 12.46 7.91
CA GLU B 21 -11.04 12.77 9.04
C GLU B 21 -11.83 13.03 10.34
N SER B 22 -13.08 13.49 10.20
CA SER B 22 -13.92 13.80 11.34
C SER B 22 -14.53 12.52 11.90
N ALA B 23 -14.11 11.35 11.40
CA ALA B 23 -14.73 10.11 11.85
C ALA B 23 -14.31 9.81 13.29
N PRO B 24 -15.17 9.13 14.07
CA PRO B 24 -14.92 8.97 15.50
C PRO B 24 -14.01 7.75 15.67
N VAL B 25 -13.25 7.75 16.76
CA VAL B 25 -12.52 6.54 17.16
C VAL B 25 -13.52 5.38 17.13
N GLY B 26 -13.10 4.19 16.65
CA GLY B 26 -13.99 3.06 16.65
C GLY B 26 -14.67 2.85 15.31
N ALA B 27 -14.59 3.89 14.45
CA ALA B 27 -15.15 3.79 13.11
C ALA B 27 -14.41 2.77 12.24
N THR B 28 -15.23 1.98 11.53
CA THR B 28 -14.82 1.14 10.41
C THR B 28 -14.32 1.93 9.20
N ILE B 29 -13.23 1.44 8.62
CA ILE B 29 -12.69 1.95 7.37
C ILE B 29 -13.61 1.51 6.22
N SER B 30 -13.82 2.45 5.28
CA SER B 30 -14.75 2.27 4.18
C SER B 30 -13.97 1.80 2.95
N GLU B 31 -14.61 0.96 2.13
CA GLU B 31 -14.02 0.43 0.91
C GLU B 31 -14.08 1.37 -0.31
N SER B 32 -14.84 2.46 -0.19
N SER B 32 -14.93 2.41 -0.26
CA SER B 32 -15.10 3.35 -1.32
CA SER B 32 -15.10 3.35 -1.37
C SER B 32 -15.25 4.78 -0.81
C SER B 32 -15.23 4.77 -0.82
N LEU B 33 -15.17 5.77 -1.72
CA LEU B 33 -15.29 7.16 -1.30
C LEU B 33 -16.75 7.55 -1.07
N ASN B 34 -17.67 6.64 -1.41
CA ASN B 34 -19.02 6.78 -0.94
C ASN B 34 -19.08 6.73 0.61
N LEU B 35 -18.06 6.15 1.27
CA LEU B 35 -17.93 6.15 2.74
C LEU B 35 -19.14 5.47 3.35
N THR B 36 -19.49 4.31 2.78
CA THR B 36 -20.68 3.55 3.12
C THR B 36 -20.30 2.13 3.56
N THR B 37 -20.31 1.16 2.62
CA THR B 37 -19.99 -0.22 2.94
CA THR B 37 -19.98 -0.23 2.93
C THR B 37 -18.53 -0.34 3.41
N PRO B 38 -18.17 -1.37 4.19
CA PRO B 38 -16.85 -1.47 4.84
C PRO B 38 -15.79 -2.17 4.00
N LEU B 39 -14.54 -1.80 4.21
CA LEU B 39 -13.40 -2.55 3.67
C LEU B 39 -13.36 -3.90 4.35
N ARG B 40 -13.49 -4.96 3.52
CA ARG B 40 -13.53 -6.34 3.97
C ARG B 40 -12.20 -7.01 3.63
N ILE B 41 -11.55 -7.62 4.64
CA ILE B 41 -10.28 -8.33 4.50
C ILE B 41 -10.52 -9.80 4.84
N VAL B 42 -10.49 -10.65 3.81
CA VAL B 42 -10.65 -12.08 4.02
C VAL B 42 -9.27 -12.76 4.00
N ALA B 43 -9.01 -13.57 5.04
CA ALA B 43 -7.78 -14.36 5.09
C ALA B 43 -8.13 -15.82 5.29
N LEU B 44 -7.53 -16.71 4.48
CA LEU B 44 -7.88 -18.12 4.45
C LEU B 44 -6.66 -18.99 4.76
N ASP B 45 -6.84 -20.30 4.77
CA ASP B 45 -5.73 -21.17 5.07
C ASP B 45 -6.12 -22.55 4.63
N LYS B 46 -5.28 -23.14 3.76
CA LYS B 46 -5.68 -24.35 3.07
C LYS B 46 -5.83 -25.50 4.06
N ASP B 47 -5.21 -25.36 5.23
CA ASP B 47 -5.27 -26.39 6.26
C ASP B 47 -6.65 -26.50 6.89
N ILE B 48 -7.53 -25.52 6.65
CA ILE B 48 -8.78 -25.36 7.37
C ILE B 48 -9.95 -25.45 6.39
N GLU B 49 -11.02 -26.16 6.79
CA GLU B 49 -12.21 -26.32 5.97
C GLU B 49 -12.64 -24.96 5.42
N THR B 51 -16.21 -24.24 5.25
CA THR B 51 -15.46 -23.03 5.65
C THR B 51 -15.68 -22.76 7.15
N LYS B 52 -14.65 -23.04 7.94
CA LYS B 52 -14.64 -22.63 9.34
C LYS B 52 -13.75 -21.40 9.47
N ASP B 53 -13.95 -20.65 10.55
CA ASP B 53 -13.03 -19.58 10.89
C ASP B 53 -11.65 -20.18 11.12
N PRO B 54 -10.61 -19.77 10.33
CA PRO B 54 -9.25 -20.34 10.44
C PRO B 54 -8.48 -19.84 11.66
N GLU B 55 -9.05 -18.86 12.36
CA GLU B 55 -8.60 -18.43 13.68
C GLU B 55 -7.20 -17.84 13.56
N LEU B 56 -7.06 -16.93 12.62
CA LEU B 56 -5.74 -16.41 12.32
C LEU B 56 -5.48 -15.19 13.18
N HIS B 57 -4.20 -14.87 13.33
CA HIS B 57 -3.90 -13.58 13.93
C HIS B 57 -3.45 -12.67 12.79
N LEU B 58 -4.08 -11.49 12.67
CA LEU B 58 -3.69 -10.54 11.64
C LEU B 58 -3.06 -9.31 12.29
N PHE B 59 -2.03 -8.75 11.72
CA PHE B 59 -1.31 -7.63 12.34
C PHE B 59 -0.75 -6.68 11.29
N LEU B 60 -0.68 -5.38 11.64
CA LEU B 60 -0.14 -4.36 10.76
CA LEU B 60 -0.14 -4.39 10.73
C LEU B 60 1.33 -4.15 11.06
N ASN B 61 2.10 -3.70 10.05
CA ASN B 61 3.53 -3.46 10.22
C ASN B 61 3.83 -2.00 10.62
N ASP B 62 2.80 -1.16 10.66
CA ASP B 62 2.95 0.27 10.93
C ASP B 62 1.58 0.76 11.38
N TYR B 63 1.59 1.96 11.98
CA TYR B 63 0.39 2.68 12.35
C TYR B 63 -0.47 1.80 13.25
N THR B 64 0.18 1.11 14.20
CA THR B 64 -0.51 0.16 15.05
C THR B 64 -1.34 0.84 16.17
N SER B 65 -1.01 2.10 16.49
CA SER B 65 -1.82 2.84 17.45
C SER B 65 -2.82 3.73 16.70
N VAL B 66 -2.92 3.58 15.35
CA VAL B 66 -3.89 4.34 14.59
C VAL B 66 -5.00 3.43 14.08
N PHE B 67 -4.70 2.23 13.52
CA PHE B 67 -5.74 1.32 13.03
C PHE B 67 -5.60 -0.07 13.65
N THR B 68 -6.71 -0.79 13.78
CA THR B 68 -6.66 -2.18 14.24
C THR B 68 -7.59 -3.05 13.43
N VAL B 69 -7.39 -4.39 13.54
CA VAL B 69 -8.15 -5.40 12.86
C VAL B 69 -9.13 -6.05 13.83
N THR B 70 -10.39 -6.22 13.40
CA THR B 70 -11.28 -7.08 14.18
C THR B 70 -10.64 -8.43 14.42
N PRO B 71 -10.72 -8.94 15.67
CA PRO B 71 -9.90 -10.09 16.09
C PRO B 71 -10.44 -11.49 15.86
N THR B 72 -11.68 -11.61 15.37
CA THR B 72 -12.17 -12.88 14.90
C THR B 72 -13.04 -12.72 13.65
N GLY B 73 -13.28 -13.86 12.97
CA GLY B 73 -14.04 -13.88 11.73
C GLY B 73 -13.25 -14.33 10.50
N ILE B 74 -13.88 -15.10 9.62
CA ILE B 74 -13.37 -15.22 8.27
C ILE B 74 -13.17 -13.84 7.64
N THR B 75 -14.15 -12.92 7.79
CA THR B 75 -13.98 -11.59 7.26
C THR B 75 -13.62 -10.64 8.40
N ARG B 76 -12.53 -9.89 8.23
CA ARG B 76 -12.20 -8.86 9.20
C ARG B 76 -12.43 -7.46 8.64
N TYR B 77 -12.56 -6.49 9.57
CA TYR B 77 -12.59 -5.06 9.29
C TYR B 77 -11.39 -4.38 9.87
N LEU B 78 -11.14 -3.13 9.43
CA LEU B 78 -10.25 -2.20 10.09
C LEU B 78 -11.10 -1.14 10.78
N THR B 79 -10.63 -0.68 11.97
CA THR B 79 -11.26 0.38 12.72
C THR B 79 -10.20 1.38 13.21
N LEU B 80 -10.63 2.63 13.45
CA LEU B 80 -9.77 3.73 13.84
C LEU B 80 -9.52 3.63 15.36
N LEU B 81 -8.28 3.94 15.82
CA LEU B 81 -7.93 3.83 17.24
C LEU B 81 -7.70 5.23 17.82
N GLN B 82 -7.45 6.23 16.94
CA GLN B 82 -7.19 7.58 17.41
C GLN B 82 -7.64 8.50 16.30
N PRO B 83 -8.05 9.75 16.60
CA PRO B 83 -8.37 10.73 15.55
C PRO B 83 -7.27 10.90 14.51
N VAL B 84 -7.69 11.04 13.23
CA VAL B 84 -6.84 11.30 12.07
C VAL B 84 -7.12 12.73 11.55
N ASP B 85 -6.25 13.25 10.69
CA ASP B 85 -6.26 14.67 10.36
C ASP B 85 -5.67 14.87 8.98
N ARG B 86 -6.53 15.14 7.98
CA ARG B 86 -6.08 15.31 6.60
C ARG B 86 -5.05 16.44 6.55
N GLU B 87 -5.20 17.46 7.42
CA GLU B 87 -4.32 18.63 7.37
C GLU B 87 -2.90 18.32 7.86
N GLU B 88 -2.74 17.20 8.58
CA GLU B 88 -1.43 16.78 9.07
C GLU B 88 -0.92 15.58 8.26
N GLN B 89 -1.77 14.57 8.13
CA GLN B 89 -1.44 13.45 7.25
C GLN B 89 -2.67 12.93 6.47
N GLN B 90 -2.52 12.85 5.13
CA GLN B 90 -3.61 12.57 4.19
C GLN B 90 -3.72 11.10 3.83
N THR B 91 -2.59 10.39 3.71
CA THR B 91 -2.65 8.99 3.34
C THR B 91 -1.84 8.14 4.30
N TYR B 92 -2.27 6.88 4.43
CA TYR B 92 -1.55 5.87 5.19
C TYR B 92 -1.33 4.66 4.30
N THR B 93 -0.09 4.20 4.25
CA THR B 93 0.19 2.98 3.53
C THR B 93 0.88 2.05 4.51
N PHE B 94 0.48 0.78 4.50
CA PHE B 94 1.06 -0.17 5.47
C PHE B 94 0.80 -1.59 5.01
N LEU B 95 1.47 -2.55 5.66
CA LEU B 95 1.34 -3.96 5.35
C LEU B 95 0.47 -4.66 6.40
N ILE B 96 -0.37 -5.63 5.95
CA ILE B 96 -1.09 -6.52 6.83
C ILE B 96 -0.57 -7.94 6.57
N THR B 97 -0.45 -8.73 7.65
CA THR B 97 0.07 -10.11 7.63
C THR B 97 -0.81 -11.00 8.51
N ALA B 98 -1.08 -12.20 8.03
CA ALA B 98 -1.77 -13.21 8.81
C ALA B 98 -0.76 -14.27 9.29
N PHE B 99 -1.05 -14.86 10.43
CA PHE B 99 -0.21 -15.88 11.07
C PHE B 99 -1.12 -16.97 11.63
N ASP B 100 -0.78 -18.23 11.32
CA ASP B 100 -1.59 -19.36 11.75
C ASP B 100 -0.96 -20.02 12.99
N GLY B 101 0.08 -19.40 13.55
CA GLY B 101 0.77 -19.94 14.70
C GLY B 101 2.07 -20.67 14.38
N VAL B 102 2.29 -20.95 13.08
CA VAL B 102 3.50 -21.62 12.61
C VAL B 102 4.17 -20.79 11.50
N GLN B 103 3.39 -20.35 10.50
CA GLN B 103 3.96 -19.58 9.41
C GLN B 103 3.08 -18.36 9.15
N GLU B 104 3.71 -17.29 8.69
CA GLU B 104 3.03 -16.11 8.20
C GLU B 104 2.60 -16.24 6.73
N SER B 105 1.64 -15.40 6.38
CA SER B 105 1.30 -15.10 5.00
C SER B 105 2.37 -14.23 4.37
N GLU B 106 2.26 -14.03 3.05
CA GLU B 106 2.83 -12.86 2.40
C GLU B 106 2.14 -11.65 2.98
N PRO B 107 2.88 -10.56 3.28
CA PRO B 107 2.27 -9.29 3.68
C PRO B 107 1.56 -8.75 2.44
N VAL B 108 0.49 -7.99 2.66
CA VAL B 108 -0.25 -7.38 1.58
C VAL B 108 -0.33 -5.89 1.91
N VAL B 109 -0.29 -5.06 0.87
CA VAL B 109 -0.30 -3.59 1.02
C VAL B 109 -1.74 -3.11 1.26
N VAL B 110 -1.91 -2.23 2.27
CA VAL B 110 -3.16 -1.53 2.51
C VAL B 110 -2.90 -0.04 2.40
N ASN B 111 -3.77 0.62 1.61
CA ASN B 111 -3.75 2.06 1.46
C ASN B 111 -5.07 2.61 1.99
N ILE B 112 -4.96 3.70 2.81
CA ILE B 112 -6.11 4.41 3.36
CA ILE B 112 -6.12 4.40 3.35
C ILE B 112 -5.95 5.90 3.12
N ARG B 113 -6.94 6.53 2.46
CA ARG B 113 -6.89 7.97 2.22
C ARG B 113 -7.80 8.66 3.24
N VAL B 114 -7.28 9.66 3.96
CA VAL B 114 -8.13 10.43 4.87
C VAL B 114 -8.75 11.53 4.02
N MET B 115 -10.07 11.51 3.92
CA MET B 115 -10.80 12.54 3.19
C MET B 115 -11.00 13.80 4.06
N ASP B 116 -11.11 14.97 3.43
CA ASP B 116 -11.36 16.22 4.13
C ASP B 116 -12.76 16.33 4.73
N ALA B 117 -12.81 16.82 5.95
CA ALA B 117 -14.02 17.36 6.56
C ALA B 117 -13.74 18.84 6.66
N ASN B 118 -14.79 19.67 6.60
CA ASN B 118 -14.61 21.09 6.82
C ASN B 118 -14.63 21.29 8.34
N ASP B 119 -13.44 21.15 8.93
CA ASP B 119 -13.22 21.14 10.37
C ASP B 119 -12.42 22.40 10.75
N ASN B 120 -12.18 23.27 9.76
CA ASN B 120 -11.52 24.53 10.01
C ASN B 120 -12.46 25.62 9.50
N ALA B 121 -12.47 26.72 10.26
CA ALA B 121 -13.06 27.96 9.79
C ALA B 121 -11.91 28.87 9.39
N PRO B 122 -12.16 29.82 8.47
CA PRO B 122 -11.13 30.78 8.09
C PRO B 122 -10.59 31.43 9.34
N VAL B 123 -9.29 31.81 9.28
CA VAL B 123 -8.64 32.53 10.33
C VAL B 123 -8.08 33.81 9.73
N PHE B 124 -8.32 34.95 10.40
CA PHE B 124 -7.85 36.22 9.90
C PHE B 124 -6.33 36.24 10.17
N ASP B 125 -5.60 36.82 9.21
CA ASP B 125 -4.18 37.14 9.40
C ASP B 125 -4.01 38.23 10.44
N PRO B 126 -3.27 37.96 11.55
CA PRO B 126 -3.24 38.86 12.71
C PRO B 126 -2.24 39.98 12.62
N TYR B 127 -1.41 40.02 11.56
CA TYR B 127 -0.47 41.10 11.41
C TYR B 127 -1.06 42.24 10.56
N LEU B 128 -2.06 41.93 9.72
CA LEU B 128 -2.77 42.96 8.99
C LEU B 128 -3.44 43.90 9.98
N PRO B 129 -3.24 45.24 9.86
CA PRO B 129 -3.70 46.19 10.86
C PRO B 129 -5.24 46.12 10.94
N ARG B 130 -5.75 46.30 12.16
CA ARG B 130 -7.18 46.25 12.44
C ARG B 130 -7.64 47.67 12.77
N ASN B 131 -6.70 48.58 13.11
CA ASN B 131 -7.04 50.00 13.22
C ASN B 131 -6.72 50.69 11.90
N LEU B 132 -7.71 51.39 11.31
CA LEU B 132 -7.60 51.82 9.94
C LEU B 132 -8.12 53.23 9.83
N SER B 133 -7.72 53.95 8.79
CA SER B 133 -8.21 55.31 8.63
C SER B 133 -8.53 55.51 7.16
N VAL B 134 -9.52 56.39 6.87
CA VAL B 134 -9.80 56.73 5.48
C VAL B 134 -10.28 58.18 5.45
N VAL B 135 -9.92 58.90 4.38
CA VAL B 135 -10.38 60.26 4.26
C VAL B 135 -11.86 60.28 3.87
N GLU B 136 -12.57 61.30 4.35
CA GLU B 136 -13.96 61.53 4.03
C GLU B 136 -14.08 62.07 2.60
N GLU B 137 -15.31 62.04 2.10
CA GLU B 137 -15.81 62.75 0.93
C GLU B 137 -15.18 62.16 -0.33
N GLU B 138 -14.87 60.85 -0.27
CA GLU B 138 -14.28 60.14 -1.39
C GLU B 138 -14.83 58.72 -1.49
N ALA B 139 -15.57 58.44 -2.56
CA ALA B 139 -16.07 57.10 -2.82
C ALA B 139 -14.94 56.25 -3.42
N ASN B 140 -15.06 54.94 -3.29
CA ASN B 140 -14.05 54.01 -3.77
C ASN B 140 -12.69 54.37 -3.19
N ALA B 141 -12.70 54.95 -2.00
CA ALA B 141 -11.44 55.16 -1.30
C ALA B 141 -11.05 53.84 -0.65
N PHE B 142 -9.75 53.48 -0.70
CA PHE B 142 -9.30 52.28 -0.03
C PHE B 142 -9.29 52.48 1.48
N VAL B 143 -9.86 51.50 2.17
CA VAL B 143 -9.90 51.55 3.61
C VAL B 143 -8.84 50.61 4.22
N GLY B 144 -8.76 49.37 3.75
CA GLY B 144 -7.84 48.42 4.35
C GLY B 144 -7.94 47.08 3.68
N GLN B 145 -6.95 46.24 3.98
CA GLN B 145 -6.86 44.84 3.63
C GLN B 145 -7.13 43.94 4.83
N VAL B 146 -7.82 42.84 4.56
CA VAL B 146 -7.92 41.68 5.39
C VAL B 146 -7.53 40.47 4.55
N ARG B 147 -7.17 39.41 5.24
CA ARG B 147 -6.97 38.14 4.60
C ARG B 147 -7.23 37.11 5.67
N ALA B 148 -8.01 36.14 5.29
CA ALA B 148 -8.27 34.97 6.11
C ALA B 148 -7.91 33.76 5.28
N THR B 149 -7.33 32.76 5.96
CA THR B 149 -6.92 31.54 5.29
C THR B 149 -7.67 30.37 5.89
N ASP B 150 -7.91 29.37 5.05
CA ASP B 150 -8.59 28.18 5.51
C ASP B 150 -7.83 26.98 4.99
N PRO B 151 -7.35 26.06 5.86
CA PRO B 151 -6.48 24.99 5.39
C PRO B 151 -7.28 23.74 4.99
N ASP B 152 -8.60 23.79 5.01
CA ASP B 152 -9.34 22.66 4.46
C ASP B 152 -9.22 22.60 2.91
N ALA B 153 -9.71 21.50 2.38
CA ALA B 153 -9.58 21.13 0.97
C ALA B 153 -10.78 21.53 0.14
N GLY B 154 -10.52 21.72 -1.14
CA GLY B 154 -11.64 21.87 -2.06
C GLY B 154 -12.45 23.11 -1.72
N ILE B 155 -13.77 23.08 -1.96
CA ILE B 155 -14.67 24.15 -1.55
C ILE B 155 -14.55 24.45 -0.06
N ASN B 156 -14.24 23.43 0.78
CA ASN B 156 -14.16 23.65 2.22
C ASN B 156 -13.06 24.61 2.63
N GLY B 157 -11.98 24.72 1.84
CA GLY B 157 -10.91 25.65 2.12
C GLY B 157 -10.99 26.95 1.33
N GLN B 158 -12.05 27.16 0.51
CA GLN B 158 -12.12 28.35 -0.33
C GLN B 158 -12.93 29.45 0.37
N VAL B 159 -12.31 30.64 0.52
CA VAL B 159 -12.70 31.73 1.41
C VAL B 159 -13.37 32.86 0.59
N HIS B 160 -14.63 33.18 0.94
CA HIS B 160 -15.27 34.39 0.42
C HIS B 160 -15.54 35.41 1.51
N TYR B 161 -15.37 36.68 1.10
CA TYR B 161 -15.49 37.81 2.02
C TYR B 161 -16.85 38.49 1.85
N SER B 162 -17.41 38.93 3.01
CA SER B 162 -18.55 39.84 3.01
C SER B 162 -18.46 40.73 4.25
N LEU B 163 -19.45 41.63 4.38
CA LEU B 163 -19.55 42.55 5.47
C LEU B 163 -20.75 42.25 6.33
N GLY B 164 -20.56 42.35 7.65
CA GLY B 164 -21.61 42.06 8.60
C GLY B 164 -22.46 43.29 8.94
N ASN B 165 -22.01 44.45 8.51
CA ASN B 165 -22.72 45.69 8.80
C ASN B 165 -22.22 46.75 7.83
N PHE B 166 -22.94 47.90 7.75
CA PHE B 166 -22.59 49.03 6.90
C PHE B 166 -22.40 48.63 5.44
N ASN B 167 -23.21 47.70 4.96
CA ASN B 167 -23.01 47.13 3.64
C ASN B 167 -23.37 48.16 2.57
N ASN B 168 -23.97 49.29 3.00
CA ASN B 168 -24.27 50.34 2.03
C ASN B 168 -23.23 51.44 2.05
N LEU B 169 -22.30 51.36 3.01
CA LEU B 169 -21.20 52.31 3.12
C LEU B 169 -19.87 51.76 2.61
N PHE B 170 -19.63 50.42 2.64
CA PHE B 170 -18.33 49.82 2.30
C PHE B 170 -18.55 48.67 1.33
N ARG B 171 -17.49 48.30 0.61
CA ARG B 171 -17.47 47.14 -0.26
C ARG B 171 -16.22 46.34 0.10
N ILE B 172 -16.29 45.02 -0.11
CA ILE B 172 -15.12 44.16 0.04
C ILE B 172 -14.93 43.32 -1.21
N THR B 173 -13.68 43.23 -1.72
CA THR B 173 -13.42 42.49 -2.95
C THR B 173 -13.14 41.02 -2.60
N SER B 174 -13.20 40.15 -3.60
CA SER B 174 -12.95 38.73 -3.45
C SER B 174 -11.58 38.48 -2.82
N ASN B 175 -10.66 39.48 -2.90
CA ASN B 175 -9.32 39.36 -2.37
C ASN B 175 -9.12 40.04 -1.01
N GLY B 176 -10.18 40.60 -0.39
CA GLY B 176 -10.08 41.15 0.96
C GLY B 176 -9.83 42.65 1.10
N SER B 177 -9.83 43.40 -0.03
CA SER B 177 -9.63 44.83 -0.01
C SER B 177 -10.98 45.50 0.22
N ILE B 178 -11.03 46.40 1.20
CA ILE B 178 -12.21 47.17 1.56
C ILE B 178 -12.08 48.60 1.06
N TYR B 179 -13.12 49.06 0.34
CA TYR B 179 -13.23 50.42 -0.16
C TYR B 179 -14.52 51.02 0.32
N THR B 180 -14.61 52.35 0.29
CA THR B 180 -15.87 53.06 0.49
C THR B 180 -16.77 52.85 -0.73
N ALA B 181 -18.08 52.68 -0.44
CA ALA B 181 -19.14 52.58 -1.44
C ALA B 181 -19.60 53.98 -1.84
N VAL B 182 -19.46 54.91 -0.91
CA VAL B 182 -19.98 56.26 -1.05
C VAL B 182 -18.96 57.20 -0.41
N LYS B 183 -19.22 58.51 -0.57
CA LYS B 183 -18.45 59.53 0.13
C LYS B 183 -18.86 59.53 1.60
N LEU B 184 -17.92 59.15 2.48
CA LEU B 184 -18.13 59.28 3.91
C LEU B 184 -18.06 60.75 4.29
N ASN B 185 -18.62 61.07 5.45
CA ASN B 185 -18.75 62.46 5.86
C ASN B 185 -18.43 62.53 7.33
N ARG B 186 -17.22 63.03 7.60
CA ARG B 186 -16.72 63.04 8.95
C ARG B 186 -17.67 63.82 9.87
N GLU B 187 -18.29 64.86 9.35
CA GLU B 187 -19.22 65.70 10.10
C GLU B 187 -20.49 64.94 10.45
N ALA B 188 -20.82 63.86 9.71
CA ALA B 188 -21.96 62.98 10.01
C ALA B 188 -21.62 61.91 11.05
N ARG B 189 -20.52 61.18 10.79
CA ARG B 189 -20.01 60.17 11.72
C ARG B 189 -18.52 59.99 11.45
N ASP B 190 -17.68 59.90 12.50
CA ASP B 190 -16.24 59.87 12.25
C ASP B 190 -15.65 58.51 12.61
N HIS B 191 -16.49 57.50 12.83
CA HIS B 191 -15.99 56.17 13.11
C HIS B 191 -16.97 55.09 12.65
N TYR B 192 -16.42 53.89 12.41
CA TYR B 192 -17.18 52.70 12.00
C TYR B 192 -16.46 51.48 12.52
N GLU B 193 -17.21 50.60 13.16
CA GLU B 193 -16.67 49.34 13.64
C GLU B 193 -17.24 48.30 12.72
N LEU B 194 -16.45 48.00 11.69
CA LEU B 194 -16.90 47.24 10.56
C LEU B 194 -16.61 45.78 10.86
N VAL B 195 -17.64 44.98 10.68
CA VAL B 195 -17.60 43.53 10.79
C VAL B 195 -17.28 42.95 9.40
N VAL B 196 -16.10 42.32 9.28
CA VAL B 196 -15.76 41.58 8.07
C VAL B 196 -15.96 40.09 8.30
N VAL B 197 -16.65 39.44 7.35
CA VAL B 197 -16.98 38.02 7.43
C VAL B 197 -16.15 37.22 6.43
N ALA B 198 -15.50 36.14 6.92
CA ALA B 198 -14.85 35.19 6.04
C ALA B 198 -15.57 33.87 6.20
N THR B 199 -16.14 33.42 5.09
CA THR B 199 -16.98 32.25 4.97
C THR B 199 -16.33 31.30 3.97
N ASP B 200 -16.32 29.99 4.29
CA ASP B 200 -15.87 29.02 3.32
C ASP B 200 -17.03 28.53 2.45
N GLY B 201 -16.72 27.65 1.48
CA GLY B 201 -17.61 27.27 0.40
C GLY B 201 -18.30 25.92 0.62
N ALA B 202 -18.22 25.43 1.85
CA ALA B 202 -18.65 24.08 2.16
C ALA B 202 -20.14 24.03 1.88
N VAL B 203 -20.69 22.80 1.79
CA VAL B 203 -22.13 22.66 1.74
C VAL B 203 -22.72 23.09 3.09
N HIS B 204 -21.98 22.91 4.19
CA HIS B 204 -22.32 23.44 5.50
C HIS B 204 -21.29 24.51 5.87
N PRO B 205 -21.42 25.73 5.34
CA PRO B 205 -20.32 26.70 5.42
C PRO B 205 -19.99 27.06 6.85
N ARG B 206 -18.71 27.27 7.14
CA ARG B 206 -18.28 27.82 8.40
C ARG B 206 -17.74 29.23 8.16
N HIS B 207 -17.81 30.06 9.18
CA HIS B 207 -17.40 31.45 9.04
C HIS B 207 -16.66 31.93 10.28
N SER B 208 -15.99 33.07 10.14
CA SER B 208 -15.41 33.82 11.23
C SER B 208 -15.50 35.30 10.85
N THR B 209 -15.29 36.16 11.85
CA THR B 209 -15.37 37.60 11.74
C THR B 209 -14.22 38.30 12.46
N LEU B 210 -13.92 39.48 11.95
CA LEU B 210 -12.99 40.43 12.51
C LEU B 210 -13.70 41.77 12.55
N THR B 211 -13.42 42.50 13.62
CA THR B 211 -13.90 43.85 13.70
C THR B 211 -12.77 44.80 13.38
N LEU B 212 -13.02 45.72 12.43
CA LEU B 212 -12.07 46.75 12.10
C LEU B 212 -12.56 48.06 12.68
N TYR B 213 -11.61 48.79 13.27
CA TYR B 213 -11.85 50.08 13.85
C TYR B 213 -11.41 51.10 12.82
N ILE B 214 -12.37 51.67 12.10
CA ILE B 214 -12.12 52.64 11.06
C ILE B 214 -12.38 54.04 11.62
N LYS B 215 -11.36 54.90 11.55
CA LYS B 215 -11.47 56.32 11.77
C LYS B 215 -11.61 57.08 10.45
N VAL B 216 -12.60 58.00 10.37
CA VAL B 216 -12.77 58.87 9.23
C VAL B 216 -11.99 60.17 9.49
N LEU B 217 -11.06 60.47 8.57
CA LEU B 217 -10.13 61.58 8.67
C LEU B 217 -10.78 62.82 8.09
N ASP B 218 -10.43 63.98 8.62
CA ASP B 218 -11.07 65.22 8.18
C ASP B 218 -10.48 65.80 6.90
N ILE B 219 -11.36 66.32 6.02
CA ILE B 219 -11.02 67.36 5.06
C ILE B 219 -11.50 68.66 5.73
N ASP B 220 -10.61 69.63 5.90
CA ASP B 220 -10.98 70.93 6.43
C ASP B 220 -12.23 71.46 5.73
N ASP B 221 -13.24 71.90 6.51
CA ASP B 221 -14.52 72.29 5.92
C ASP B 221 -14.37 73.50 4.99
N ASN B 222 -13.37 74.34 5.20
CA ASN B 222 -13.13 75.41 4.22
C ASN B 222 -12.89 74.88 2.81
N LEU B 223 -12.36 73.67 2.70
CA LEU B 223 -11.96 73.14 1.40
C LEU B 223 -13.06 72.26 0.79
N GLU B 224 -14.17 72.03 1.52
CA GLU B 224 -15.26 71.23 0.99
C GLU B 224 -16.20 72.16 0.22
CA CA C . 41.30 9.55 2.89
CA CA D . 10.21 -18.98 -6.88
CA CA E . 4.50 -21.90 -8.28
CA CA F . -23.18 -51.76 -16.67
CA CA G . -21.12 -55.08 -17.20
NA NA H . 13.69 -20.00 -8.70
CA CA I . -1.92 -23.17 8.22
CA CA J . -10.04 19.48 7.01
CA CA K . -13.10 25.34 6.14
CA CA L . -14.67 68.09 7.09
CA CA M . -17.71 66.55 5.24
NA NA N . -8.27 18.36 10.32
#